data_2EI2
#
_entry.id   2EI2
#
_cell.length_a   118.390
_cell.length_b   118.390
_cell.length_c   120.660
_cell.angle_alpha   90.00
_cell.angle_beta   90.00
_cell.angle_gamma   90.00
#
_symmetry.space_group_name_H-M   'I 4 2 2'
#
loop_
_entity.id
_entity.type
_entity.pdbx_description
1 polymer '1,2-dihydroxynaphthalene dioxygenase'
2 non-polymer 'MAGNESIUM ION'
3 non-polymer 'FE (II) ION'
4 non-polymer GLYCEROL
5 water water
#
_entity_poly.entity_id   1
_entity_poly.type   'polypeptide(L)'
_entity_poly.pdbx_seq_one_letter_code
;MSKNAAVIELGYMGISVKDPDAWKSFATDMLGLQVLDEGEKDRFYLRMDYWHHRIVVHHNGQDDLEYLGWRVAGKPEFEA
LGQKLIDAGYKIRICDKVEAQERMVLGLMKTEDPGGNPTEIFWGPRIDMSNPFHPGRPLHGKFVTGDQGLGHCIVRQTDV
AEAHKFYSLLGFRGDVEYRIPLPNGMTAELSFMHCNARDHSIAFGAMPAAKRLNHLMLEYTHMEDLGYTHQQFVKNEIDI
ALQLGIHANDKALTFYGATPSGWLIEPGWRGATAIDEAEYYVGDIFGHGVEATGYGLDVKLS
;
_entity_poly.pdbx_strand_id   A
#
loop_
_chem_comp.id
_chem_comp.type
_chem_comp.name
_chem_comp.formula
FE2 non-polymer 'FE (II) ION' 'Fe 2'
GOL non-polymer GLYCEROL 'C3 H8 O3'
MG non-polymer 'MAGNESIUM ION' 'Mg 2'
#
# COMPACT_ATOMS: atom_id res chain seq x y z
N ASN A 4 2.87 7.23 23.24
CA ASN A 4 1.58 6.49 23.41
C ASN A 4 1.34 5.44 22.32
N ALA A 5 0.16 4.81 22.38
CA ALA A 5 -0.25 3.77 21.44
C ALA A 5 -0.47 4.32 20.04
N ALA A 6 0.16 3.67 19.07
CA ALA A 6 0.04 4.10 17.69
C ALA A 6 0.23 2.91 16.75
N VAL A 7 -0.37 3.03 15.57
CA VAL A 7 -0.01 2.16 14.46
C VAL A 7 1.49 2.32 14.13
N ILE A 8 2.15 1.19 13.83
CA ILE A 8 3.61 1.21 13.57
C ILE A 8 4.00 0.80 12.14
N GLU A 9 3.12 0.09 11.44
CA GLU A 9 3.36 -0.26 10.02
C GLU A 9 2.12 -0.73 9.27
N LEU A 10 2.15 -0.61 7.95
CA LEU A 10 1.20 -1.34 7.10
C LEU A 10 1.64 -2.79 7.06
N GLY A 11 0.89 -3.65 7.75
CA GLY A 11 1.30 -5.04 7.97
C GLY A 11 0.92 -5.95 6.83
N TYR A 12 -0.35 -5.91 6.45
CA TYR A 12 -0.83 -6.72 5.33
C TYR A 12 -1.94 -6.00 4.59
N MET A 13 -2.28 -6.52 3.44
CA MET A 13 -3.47 -6.04 2.75
C MET A 13 -4.14 -7.21 2.05
N GLY A 14 -5.46 -7.10 1.87
CA GLY A 14 -6.23 -8.13 1.15
C GLY A 14 -6.80 -7.48 -0.09
N ILE A 15 -6.76 -8.19 -1.21
CA ILE A 15 -7.34 -7.72 -2.47
C ILE A 15 -8.24 -8.83 -3.00
N SER A 16 -9.18 -8.49 -3.88
CA SER A 16 -9.95 -9.53 -4.51
C SER A 16 -9.80 -9.38 -6.02
N VAL A 17 -9.74 -10.51 -6.72
CA VAL A 17 -9.42 -10.51 -8.13
C VAL A 17 -10.38 -11.38 -8.92
N LYS A 18 -10.56 -11.08 -10.21
CA LYS A 18 -11.40 -11.89 -11.08
C LYS A 18 -10.60 -13.04 -11.72
N ASP A 19 -9.27 -12.91 -11.79
CA ASP A 19 -8.42 -13.85 -12.54
C ASP A 19 -7.18 -14.27 -11.73
N PRO A 20 -7.34 -15.25 -10.81
CA PRO A 20 -6.22 -15.60 -9.93
C PRO A 20 -5.00 -16.11 -10.71
N ASP A 21 -5.24 -16.94 -11.73
CA ASP A 21 -4.14 -17.45 -12.55
C ASP A 21 -3.26 -16.33 -13.16
N ALA A 22 -3.90 -15.30 -13.70
CA ALA A 22 -3.19 -14.15 -14.24
C ALA A 22 -2.41 -13.44 -13.14
N TRP A 23 -3.00 -13.35 -11.96
CA TRP A 23 -2.34 -12.70 -10.84
C TRP A 23 -1.12 -13.46 -10.35
N LYS A 24 -1.18 -14.78 -10.33
CA LYS A 24 -0.02 -15.56 -9.93
C LYS A 24 1.15 -15.34 -10.88
N SER A 25 0.88 -15.38 -12.19
CA SER A 25 1.93 -15.15 -13.18
C SER A 25 2.48 -13.73 -13.12
N PHE A 26 1.58 -12.76 -12.98
CA PHE A 26 1.96 -11.37 -12.84
C PHE A 26 2.86 -11.15 -11.61
N ALA A 27 2.41 -11.64 -10.46
CA ALA A 27 3.15 -11.36 -9.22
C ALA A 27 4.51 -11.98 -9.25
N THR A 28 4.62 -13.20 -9.78
CA THR A 28 5.90 -13.89 -9.79
C THR A 28 6.85 -13.38 -10.87
N ASP A 29 6.38 -13.33 -12.10
CA ASP A 29 7.26 -13.00 -13.25
C ASP A 29 7.56 -11.50 -13.35
N MET A 30 6.53 -10.69 -13.16
CA MET A 30 6.68 -9.25 -13.37
C MET A 30 7.26 -8.56 -12.16
N LEU A 31 6.94 -9.06 -10.96
CA LEU A 31 7.35 -8.34 -9.73
C LEU A 31 8.36 -9.11 -8.86
N GLY A 32 8.39 -10.43 -8.96
CA GLY A 32 9.29 -11.22 -8.08
C GLY A 32 8.71 -11.61 -6.72
N LEU A 33 7.42 -11.35 -6.51
CA LEU A 33 6.77 -11.78 -5.27
C LEU A 33 6.69 -13.31 -5.24
N GLN A 34 6.50 -13.87 -4.06
CA GLN A 34 6.41 -15.32 -3.89
C GLN A 34 4.96 -15.73 -3.70
N VAL A 35 4.52 -16.71 -4.49
CA VAL A 35 3.17 -17.21 -4.31
C VAL A 35 3.18 -18.34 -3.30
N LEU A 36 2.27 -18.26 -2.33
CA LEU A 36 2.08 -19.32 -1.35
C LEU A 36 0.62 -19.78 -1.43
N ASP A 37 0.42 -21.04 -1.77
CA ASP A 37 -0.94 -21.54 -1.86
C ASP A 37 -1.13 -22.60 -0.78
N GLU A 38 -2.01 -22.34 0.19
CA GLU A 38 -2.22 -23.26 1.31
C GLU A 38 -3.35 -24.26 1.03
N GLY A 39 -3.77 -24.35 -0.23
CA GLY A 39 -4.83 -25.28 -0.64
C GLY A 39 -6.24 -24.80 -0.36
N GLU A 40 -6.38 -23.54 0.04
CA GLU A 40 -7.70 -22.99 0.30
C GLU A 40 -8.43 -22.71 -1.00
N LYS A 41 -9.71 -23.04 -1.03
CA LYS A 41 -10.49 -22.92 -2.27
C LYS A 41 -10.62 -21.48 -2.79
N ASP A 42 -10.59 -20.49 -1.90
CA ASP A 42 -11.01 -19.15 -2.28
C ASP A 42 -9.93 -18.08 -2.22
N ARG A 43 -8.69 -18.48 -1.96
CA ARG A 43 -7.63 -17.49 -1.79
C ARG A 43 -6.23 -18.07 -1.84
N PHE A 44 -5.27 -17.23 -2.19
CA PHE A 44 -3.87 -17.55 -1.99
C PHE A 44 -3.12 -16.34 -1.42
N TYR A 45 -1.82 -16.53 -1.21
CA TYR A 45 -1.02 -15.51 -0.50
C TYR A 45 0.18 -15.09 -1.32
N LEU A 46 0.61 -13.83 -1.11
CA LEU A 46 1.88 -13.34 -1.65
C LEU A 46 2.80 -12.93 -0.50
N ARG A 47 4.06 -13.38 -0.58
CA ARG A 47 5.10 -13.14 0.44
C ARG A 47 6.14 -12.20 -0.13
N MET A 48 6.81 -11.49 0.76
CA MET A 48 7.86 -10.56 0.38
C MET A 48 9.07 -10.70 1.30
N ASP A 49 8.93 -11.49 2.37
CA ASP A 49 9.92 -11.55 3.47
C ASP A 49 9.60 -12.73 4.38
N TYR A 50 10.00 -12.70 5.66
CA TYR A 50 9.74 -13.86 6.53
C TYR A 50 8.28 -13.98 7.00
N TRP A 51 7.48 -12.91 6.88
CA TRP A 51 6.10 -13.01 7.32
C TRP A 51 5.42 -14.15 6.56
N HIS A 52 4.49 -14.85 7.22
CA HIS A 52 3.74 -15.87 6.49
C HIS A 52 3.24 -15.31 5.16
N HIS A 53 2.66 -14.11 5.21
CA HIS A 53 2.29 -13.40 3.97
C HIS A 53 2.20 -11.89 4.23
N ARG A 54 2.24 -11.10 3.15
CA ARG A 54 1.92 -9.67 3.21
C ARG A 54 0.65 -9.29 2.45
N ILE A 55 0.28 -10.09 1.45
CA ILE A 55 -0.92 -9.80 0.65
C ILE A 55 -1.76 -11.07 0.54
N VAL A 56 -3.05 -10.95 0.82
CA VAL A 56 -4.00 -12.03 0.61
C VAL A 56 -4.77 -11.74 -0.66
N VAL A 57 -4.84 -12.73 -1.55
CA VAL A 57 -5.50 -12.57 -2.83
C VAL A 57 -6.73 -13.45 -2.85
N HIS A 58 -7.89 -12.85 -2.66
CA HIS A 58 -9.17 -13.57 -2.66
C HIS A 58 -9.70 -13.74 -4.08
N HIS A 59 -10.27 -14.93 -4.39
CA HIS A 59 -10.89 -15.19 -5.70
C HIS A 59 -12.33 -14.66 -5.77
N ASN A 60 -12.94 -14.77 -6.95
CA ASN A 60 -14.34 -14.42 -7.13
C ASN A 60 -14.63 -12.97 -6.76
N GLY A 61 -13.70 -12.08 -7.09
CA GLY A 61 -13.66 -10.75 -6.50
C GLY A 61 -14.11 -9.60 -7.37
N GLN A 62 -13.70 -8.41 -6.98
CA GLN A 62 -14.15 -7.16 -7.57
C GLN A 62 -12.99 -6.38 -8.20
N ASP A 63 -11.82 -7.01 -8.25
CA ASP A 63 -10.62 -6.36 -8.78
C ASP A 63 -10.31 -5.06 -8.03
N ASP A 64 -10.34 -5.13 -6.69
CA ASP A 64 -10.08 -3.95 -5.85
C ASP A 64 -9.58 -4.39 -4.48
N LEU A 65 -9.19 -3.40 -3.69
CA LEU A 65 -8.84 -3.57 -2.29
C LEU A 65 -10.00 -4.14 -1.45
N GLU A 66 -9.68 -5.07 -0.55
CA GLU A 66 -10.64 -5.63 0.40
C GLU A 66 -10.41 -5.12 1.83
N TYR A 67 -9.15 -5.00 2.23
CA TYR A 67 -8.82 -4.45 3.55
C TYR A 67 -7.36 -4.07 3.67
N LEU A 68 -7.08 -3.06 4.49
CA LEU A 68 -5.71 -2.74 4.91
C LEU A 68 -5.56 -3.14 6.35
N GLY A 69 -4.46 -3.85 6.66
CA GLY A 69 -4.16 -4.29 8.01
C GLY A 69 -2.99 -3.51 8.61
N TRP A 70 -3.29 -2.76 9.67
CA TRP A 70 -2.30 -1.86 10.32
C TRP A 70 -1.85 -2.49 11.62
N ARG A 71 -0.53 -2.58 11.81
CA ARG A 71 0.02 -3.25 13.00
C ARG A 71 0.22 -2.31 14.18
N VAL A 72 -0.07 -2.76 15.39
CA VAL A 72 0.38 -2.08 16.62
C VAL A 72 1.37 -2.99 17.37
N ALA A 73 2.13 -2.43 18.29
CA ALA A 73 3.24 -3.19 18.84
C ALA A 73 2.79 -4.42 19.66
N GLY A 74 1.72 -4.26 20.43
CA GLY A 74 1.28 -5.36 21.29
C GLY A 74 -0.10 -5.12 21.86
N LYS A 75 -0.50 -6.02 22.76
CA LYS A 75 -1.85 -6.01 23.29
C LYS A 75 -2.18 -4.70 24.03
N PRO A 76 -1.22 -4.15 24.81
CA PRO A 76 -1.52 -2.89 25.50
C PRO A 76 -1.84 -1.74 24.54
N GLU A 77 -1.08 -1.63 23.45
CA GLU A 77 -1.36 -0.63 22.42
C GLU A 77 -2.68 -0.88 21.68
N PHE A 78 -2.97 -2.15 21.38
CA PHE A 78 -4.23 -2.55 20.74
C PHE A 78 -5.42 -2.06 21.57
N GLU A 79 -5.37 -2.34 22.86
CA GLU A 79 -6.48 -2.01 23.74
C GLU A 79 -6.64 -0.49 23.92
N ALA A 80 -5.53 0.21 24.07
CA ALA A 80 -5.54 1.65 24.20
C ALA A 80 -6.10 2.32 22.94
N LEU A 81 -5.67 1.86 21.78
CA LEU A 81 -6.13 2.43 20.53
C LEU A 81 -7.63 2.17 20.32
N GLY A 82 -8.08 0.97 20.65
CA GLY A 82 -9.51 0.64 20.54
C GLY A 82 -10.37 1.61 21.32
N GLN A 83 -9.96 1.88 22.55
CA GLN A 83 -10.72 2.76 23.43
C GLN A 83 -10.66 4.20 22.95
N LYS A 84 -9.52 4.59 22.37
CA LYS A 84 -9.35 5.93 21.80
C LYS A 84 -10.34 6.15 20.65
N LEU A 85 -10.48 5.14 19.80
CA LEU A 85 -11.40 5.18 18.66
C LEU A 85 -12.85 5.25 19.13
N ILE A 86 -13.18 4.43 20.12
CA ILE A 86 -14.54 4.44 20.69
C ILE A 86 -14.86 5.80 21.30
N ASP A 87 -13.92 6.36 22.05
CA ASP A 87 -14.15 7.65 22.74
C ASP A 87 -14.35 8.80 21.75
N ALA A 88 -13.71 8.73 20.58
CA ALA A 88 -13.82 9.79 19.59
C ALA A 88 -15.03 9.58 18.68
N GLY A 89 -15.77 8.51 18.90
CA GLY A 89 -17.04 8.31 18.20
C GLY A 89 -17.04 7.36 17.02
N TYR A 90 -15.93 6.68 16.77
CA TYR A 90 -15.83 5.75 15.65
C TYR A 90 -16.41 4.39 16.04
N LYS A 91 -16.89 3.64 15.06
CA LYS A 91 -17.49 2.33 15.30
C LYS A 91 -16.47 1.25 15.04
N ILE A 92 -16.15 0.44 16.05
CA ILE A 92 -15.21 -0.67 15.87
C ILE A 92 -15.80 -1.99 16.36
N ARG A 93 -15.21 -3.09 15.92
CA ARG A 93 -15.61 -4.40 16.43
C ARG A 93 -14.35 -5.19 16.74
N ILE A 94 -14.24 -5.67 17.98
CA ILE A 94 -13.14 -6.56 18.33
C ILE A 94 -13.52 -7.96 17.90
N CYS A 95 -12.65 -8.59 17.13
CA CYS A 95 -12.93 -9.89 16.55
C CYS A 95 -12.66 -11.04 17.50
N ASP A 96 -13.41 -12.12 17.35
CA ASP A 96 -13.18 -13.33 18.12
C ASP A 96 -12.03 -14.15 17.54
N LYS A 97 -11.68 -15.25 18.21
CA LYS A 97 -10.51 -16.04 17.83
C LYS A 97 -10.55 -16.58 16.39
N VAL A 98 -11.70 -17.07 15.95
CA VAL A 98 -11.84 -17.58 14.59
C VAL A 98 -11.51 -16.50 13.54
N GLU A 99 -12.00 -15.29 13.76
CA GLU A 99 -11.70 -14.21 12.83
C GLU A 99 -10.24 -13.82 12.89
N ALA A 100 -9.67 -13.82 14.09
CA ALA A 100 -8.24 -13.49 14.22
C ALA A 100 -7.39 -14.55 13.53
N GLN A 101 -7.76 -15.81 13.72
CA GLN A 101 -7.03 -16.91 13.11
C GLN A 101 -7.09 -16.86 11.57
N GLU A 102 -8.21 -16.41 11.03
CA GLU A 102 -8.32 -16.20 9.58
C GLU A 102 -7.22 -15.31 9.06
N ARG A 103 -6.95 -14.22 9.78
CA ARG A 103 -5.88 -13.28 9.39
C ARG A 103 -4.49 -13.71 9.86
N MET A 104 -4.43 -14.78 10.65
CA MET A 104 -3.19 -15.26 11.26
C MET A 104 -2.53 -14.22 12.16
N VAL A 105 -3.33 -13.63 13.05
CA VAL A 105 -2.84 -12.65 14.02
C VAL A 105 -3.29 -13.00 15.42
N LEU A 106 -2.63 -12.44 16.43
CA LEU A 106 -3.01 -12.74 17.81
C LEU A 106 -4.20 -11.90 18.30
N GLY A 107 -4.35 -10.69 17.74
CA GLY A 107 -5.49 -9.85 18.12
C GLY A 107 -5.92 -9.02 16.91
N LEU A 108 -7.22 -8.82 16.75
CA LEU A 108 -7.74 -8.18 15.56
C LEU A 108 -8.99 -7.33 15.86
N MET A 109 -9.04 -6.12 15.30
CA MET A 109 -10.29 -5.34 15.29
C MET A 109 -10.57 -4.81 13.89
N LYS A 110 -11.85 -4.63 13.59
CA LYS A 110 -12.28 -4.19 12.26
C LYS A 110 -13.08 -2.88 12.34
N THR A 111 -12.81 -2.00 11.38
CA THR A 111 -13.52 -0.74 11.30
C THR A 111 -13.48 -0.31 9.81
N GLU A 112 -13.93 0.90 9.52
CA GLU A 112 -13.85 1.42 8.15
C GLU A 112 -13.36 2.86 8.27
N ASP A 113 -12.46 3.29 7.39
CA ASP A 113 -12.01 4.68 7.44
C ASP A 113 -13.10 5.60 6.90
N PRO A 114 -12.92 6.93 7.05
CA PRO A 114 -14.01 7.84 6.63
C PRO A 114 -14.38 7.80 5.13
N GLY A 115 -13.51 7.25 4.31
CA GLY A 115 -13.76 7.12 2.88
C GLY A 115 -14.41 5.78 2.52
N GLY A 116 -14.65 4.93 3.51
CA GLY A 116 -15.31 3.64 3.28
C GLY A 116 -14.37 2.46 3.07
N ASN A 117 -13.07 2.70 3.24
CA ASN A 117 -12.07 1.65 3.07
C ASN A 117 -11.99 0.77 4.31
N PRO A 118 -12.27 -0.54 4.16
CA PRO A 118 -12.20 -1.44 5.31
C PRO A 118 -10.82 -1.44 5.94
N THR A 119 -10.78 -1.22 7.24
CA THR A 119 -9.52 -0.97 7.95
C THR A 119 -9.44 -1.93 9.12
N GLU A 120 -8.31 -2.62 9.26
CA GLU A 120 -8.12 -3.58 10.33
C GLU A 120 -6.92 -3.16 11.14
N ILE A 121 -7.02 -3.33 12.45
CA ILE A 121 -5.88 -3.06 13.35
C ILE A 121 -5.58 -4.33 14.10
N PHE A 122 -4.30 -4.71 14.14
CA PHE A 122 -3.96 -6.01 14.71
C PHE A 122 -2.65 -5.96 15.46
N TRP A 123 -2.42 -6.96 16.30
CA TRP A 123 -1.09 -7.18 16.86
C TRP A 123 -0.72 -8.66 16.71
N GLY A 124 0.58 -8.92 16.65
CA GLY A 124 1.07 -10.30 16.63
C GLY A 124 0.93 -11.03 15.32
N PRO A 125 1.66 -10.59 14.29
CA PRO A 125 1.62 -11.30 13.02
C PRO A 125 2.36 -12.64 13.14
N ARG A 126 2.00 -13.58 12.27
CA ARG A 126 2.71 -14.85 12.15
C ARG A 126 3.93 -14.71 11.24
N ILE A 127 5.10 -15.08 11.77
CA ILE A 127 6.37 -14.97 11.05
C ILE A 127 6.91 -16.39 10.86
N ASP A 128 7.18 -16.76 9.62
CA ASP A 128 7.71 -18.09 9.36
C ASP A 128 9.21 -18.02 9.15
N MET A 129 9.94 -17.94 10.26
CA MET A 129 11.40 -17.87 10.21
C MET A 129 12.01 -19.13 9.62
N SER A 130 11.29 -20.24 9.69
CA SER A 130 11.71 -21.52 9.10
C SER A 130 11.64 -21.51 7.58
N ASN A 131 10.96 -20.51 7.02
CA ASN A 131 10.65 -20.50 5.59
C ASN A 131 11.08 -19.20 4.94
N PRO A 132 12.37 -19.08 4.65
CA PRO A 132 12.84 -17.82 4.10
C PRO A 132 12.15 -17.43 2.79
N PHE A 133 12.05 -16.12 2.54
CA PHE A 133 11.49 -15.63 1.28
C PHE A 133 12.22 -16.29 0.09
N HIS A 134 11.43 -16.73 -0.90
CA HIS A 134 12.00 -17.31 -2.12
C HIS A 134 11.26 -16.67 -3.29
N PRO A 135 11.90 -15.70 -3.97
CA PRO A 135 11.11 -14.91 -4.93
C PRO A 135 10.62 -15.73 -6.11
N GLY A 136 9.54 -15.25 -6.75
CA GLY A 136 8.90 -15.98 -7.84
C GLY A 136 9.63 -15.88 -9.16
N ARG A 137 10.70 -15.08 -9.18
CA ARG A 137 11.68 -15.04 -10.28
C ARG A 137 13.03 -14.74 -9.63
N PRO A 138 14.15 -14.96 -10.34
CA PRO A 138 15.46 -14.62 -9.74
C PRO A 138 15.55 -13.12 -9.46
N LEU A 139 16.05 -12.76 -8.29
CA LEU A 139 16.24 -11.33 -7.92
C LEU A 139 17.68 -11.08 -7.53
N HIS A 140 18.18 -9.89 -7.87
CA HIS A 140 19.49 -9.47 -7.39
C HIS A 140 19.51 -9.24 -5.87
N GLY A 141 18.39 -8.80 -5.35
CA GLY A 141 18.22 -8.40 -3.95
C GLY A 141 16.96 -8.96 -3.29
N LYS A 142 16.27 -8.12 -2.52
CA LYS A 142 15.03 -8.53 -1.88
C LYS A 142 14.13 -7.31 -1.78
N PHE A 143 13.16 -7.32 -0.87
CA PHE A 143 12.29 -6.15 -0.70
C PHE A 143 12.66 -5.38 0.57
N VAL A 144 12.30 -4.10 0.59
CA VAL A 144 12.45 -3.28 1.79
C VAL A 144 11.15 -3.40 2.58
N THR A 145 11.22 -4.09 3.72
CA THR A 145 10.04 -4.21 4.58
C THR A 145 10.48 -3.88 6.03
N GLY A 146 10.50 -4.88 6.92
CA GLY A 146 11.00 -4.63 8.29
C GLY A 146 10.19 -3.53 8.99
N ASP A 147 10.89 -2.59 9.65
CA ASP A 147 10.22 -1.52 10.39
C ASP A 147 9.41 -0.61 9.47
N GLN A 148 9.59 -0.74 8.15
CA GLN A 148 8.85 0.13 7.20
C GLN A 148 7.57 -0.51 6.66
N GLY A 149 7.26 -1.73 7.08
CA GLY A 149 6.03 -2.40 6.66
C GLY A 149 6.09 -2.78 5.19
N LEU A 150 4.95 -3.11 4.60
CA LEU A 150 4.99 -3.73 3.27
C LEU A 150 5.21 -2.73 2.14
N GLY A 151 4.79 -1.47 2.33
CA GLY A 151 4.83 -0.51 1.23
C GLY A 151 3.96 0.68 1.58
N HIS A 152 3.47 1.36 0.55
CA HIS A 152 2.45 2.40 0.75
C HIS A 152 1.32 2.33 -0.25
N CYS A 153 0.19 2.93 0.08
CA CYS A 153 -0.91 3.03 -0.89
C CYS A 153 -1.51 4.43 -0.92
N ILE A 154 -2.08 4.81 -2.06
CA ILE A 154 -3.05 5.90 -2.12
C ILE A 154 -4.43 5.24 -2.20
N VAL A 155 -5.35 5.67 -1.34
CA VAL A 155 -6.74 5.16 -1.38
C VAL A 155 -7.73 6.32 -1.51
N ARG A 156 -8.92 5.98 -1.98
CA ARG A 156 -9.98 6.96 -2.20
C ARG A 156 -10.46 7.58 -0.89
N GLN A 157 -10.70 8.89 -0.90
CA GLN A 157 -11.36 9.56 0.22
C GLN A 157 -12.37 10.55 -0.33
N THR A 158 -13.38 10.86 0.47
CA THR A 158 -14.39 11.83 0.04
C THR A 158 -14.24 13.16 0.79
N ASP A 159 -13.53 13.13 1.91
CA ASP A 159 -13.34 14.32 2.74
C ASP A 159 -11.97 14.21 3.37
N VAL A 160 -11.01 14.98 2.85
CA VAL A 160 -9.63 14.88 3.32
C VAL A 160 -9.45 15.21 4.80
N ALA A 161 -10.16 16.24 5.27
CA ALA A 161 -10.06 16.64 6.67
C ALA A 161 -10.51 15.51 7.57
N GLU A 162 -11.57 14.82 7.19
CA GLU A 162 -12.07 13.70 7.99
C GLU A 162 -11.08 12.54 7.98
N ALA A 163 -10.54 12.23 6.81
CA ALA A 163 -9.54 11.17 6.71
C ALA A 163 -8.33 11.51 7.58
N HIS A 164 -7.90 12.77 7.55
CA HIS A 164 -6.72 13.16 8.33
C HIS A 164 -6.97 12.97 9.83
N LYS A 165 -8.17 13.32 10.26
CA LYS A 165 -8.55 13.20 11.66
C LYS A 165 -8.42 11.76 12.11
N PHE A 166 -8.94 10.85 11.29
CA PHE A 166 -8.92 9.42 11.58
C PHE A 166 -7.50 8.88 11.67
N TYR A 167 -6.71 9.10 10.62
CA TYR A 167 -5.35 8.57 10.60
C TYR A 167 -4.47 9.23 11.67
N SER A 168 -4.71 10.51 11.96
CA SER A 168 -4.01 11.17 13.06
C SER A 168 -4.28 10.49 14.42
N LEU A 169 -5.52 10.11 14.66
CA LEU A 169 -5.89 9.39 15.88
C LEU A 169 -5.13 8.07 15.99
N LEU A 170 -4.97 7.38 14.85
CA LEU A 170 -4.20 6.12 14.77
C LEU A 170 -2.71 6.32 14.96
N GLY A 171 -2.25 7.56 14.97
CA GLY A 171 -0.84 7.85 15.25
C GLY A 171 0.00 8.31 14.06
N PHE A 172 -0.64 8.46 12.90
CA PHE A 172 0.06 8.91 11.69
C PHE A 172 0.31 10.41 11.75
N ARG A 173 1.30 10.86 10.99
CA ARG A 173 1.61 12.28 10.90
C ARG A 173 1.78 12.67 9.44
N GLY A 174 1.38 13.89 9.10
CA GLY A 174 1.61 14.41 7.75
C GLY A 174 0.44 15.25 7.27
N ASP A 175 0.60 15.87 6.11
CA ASP A 175 -0.42 16.80 5.64
C ASP A 175 -0.24 16.96 4.14
N VAL A 176 -0.78 18.04 3.58
CA VAL A 176 -0.69 18.26 2.13
C VAL A 176 0.79 18.41 1.78
N GLU A 177 1.30 17.60 0.85
CA GLU A 177 2.69 17.77 0.38
C GLU A 177 2.79 18.14 -1.10
N TYR A 178 1.70 17.94 -1.85
CA TYR A 178 1.75 18.29 -3.25
C TYR A 178 0.61 19.19 -3.62
N ARG A 179 0.91 20.32 -4.27
CA ARG A 179 -0.12 21.18 -4.86
C ARG A 179 0.19 21.26 -6.34
N ILE A 180 -0.57 20.50 -7.11
CA ILE A 180 -0.29 20.31 -8.54
C ILE A 180 -1.20 21.15 -9.42
N PRO A 181 -0.61 22.03 -10.25
CA PRO A 181 -1.46 22.85 -11.11
C PRO A 181 -2.14 21.97 -12.17
N LEU A 182 -3.41 22.27 -12.45
CA LEU A 182 -4.17 21.52 -13.43
C LEU A 182 -4.55 22.48 -14.55
N PRO A 183 -4.70 21.97 -15.79
CA PRO A 183 -4.99 22.82 -16.94
C PRO A 183 -6.27 23.63 -16.74
N ASN A 184 -7.27 23.04 -16.11
CA ASN A 184 -8.53 23.72 -15.87
C ASN A 184 -8.39 24.91 -14.93
N GLY A 185 -7.17 25.12 -14.43
CA GLY A 185 -6.89 26.25 -13.55
C GLY A 185 -6.93 25.88 -12.07
N MET A 186 -7.45 24.71 -11.78
CA MET A 186 -7.57 24.27 -10.40
C MET A 186 -6.21 23.79 -9.88
N THR A 187 -6.21 23.29 -8.65
CA THR A 187 -5.03 22.69 -8.07
C THR A 187 -5.47 21.36 -7.45
N ALA A 188 -4.71 20.30 -7.70
CA ALA A 188 -4.93 19.03 -7.04
C ALA A 188 -4.05 18.97 -5.79
N GLU A 189 -4.64 18.79 -4.60
CA GLU A 189 -3.86 18.67 -3.36
C GLU A 189 -3.83 17.23 -2.88
N LEU A 190 -2.64 16.70 -2.60
CA LEU A 190 -2.55 15.36 -2.08
C LEU A 190 -1.85 15.39 -0.73
N SER A 191 -2.37 14.63 0.22
CA SER A 191 -1.78 14.54 1.56
C SER A 191 -1.12 13.21 1.77
N PHE A 192 -0.02 13.20 2.56
CA PHE A 192 0.80 12.00 2.72
C PHE A 192 1.11 11.80 4.18
N MET A 193 0.85 10.61 4.71
CA MET A 193 1.03 10.40 6.14
C MET A 193 1.91 9.18 6.46
N HIS A 194 2.77 9.33 7.46
CA HIS A 194 3.73 8.28 7.85
C HIS A 194 3.47 7.80 9.27
N CYS A 195 3.89 6.57 9.55
CA CYS A 195 3.77 5.98 10.86
C CYS A 195 5.10 5.30 11.26
N ASN A 196 6.12 5.46 10.42
CA ASN A 196 7.44 4.86 10.66
C ASN A 196 8.43 5.52 9.68
N ALA A 197 9.61 4.93 9.47
CA ALA A 197 10.61 5.58 8.64
C ALA A 197 10.28 5.63 7.14
N ARG A 198 9.33 4.83 6.68
CA ARG A 198 8.95 4.93 5.24
C ARG A 198 8.37 6.31 4.99
N ASP A 199 8.77 6.97 3.90
CA ASP A 199 8.34 8.35 3.70
C ASP A 199 6.85 8.56 3.96
N HIS A 200 6.04 7.68 3.37
CA HIS A 200 4.62 7.62 3.75
C HIS A 200 4.10 6.18 3.64
N SER A 201 3.03 5.89 4.37
CA SER A 201 2.38 4.59 4.28
C SER A 201 0.96 4.71 3.69
N ILE A 202 0.34 5.88 3.85
CA ILE A 202 -1.01 6.11 3.32
C ILE A 202 -1.04 7.54 2.77
N ALA A 203 -1.79 7.74 1.69
CA ALA A 203 -1.90 9.06 1.08
C ALA A 203 -3.24 9.16 0.38
N PHE A 204 -3.70 10.39 0.15
CA PHE A 204 -5.05 10.57 -0.39
C PHE A 204 -5.30 12.02 -0.76
N GLY A 205 -6.28 12.21 -1.64
CA GLY A 205 -6.77 13.53 -1.94
C GLY A 205 -8.26 13.39 -2.13
N ALA A 206 -8.88 14.41 -2.69
CA ALA A 206 -10.33 14.41 -2.87
C ALA A 206 -10.72 14.17 -4.33
N MET A 207 -9.90 13.46 -5.10
CA MET A 207 -10.24 13.18 -6.50
C MET A 207 -11.23 12.00 -6.63
N PRO A 208 -12.18 12.08 -7.57
CA PRO A 208 -13.09 10.94 -7.72
C PRO A 208 -12.32 9.72 -8.19
N ALA A 209 -12.81 8.52 -7.85
CA ALA A 209 -12.08 7.29 -8.15
C ALA A 209 -13.04 6.11 -8.19
N ALA A 210 -12.94 5.29 -9.24
CA ALA A 210 -13.85 4.17 -9.40
C ALA A 210 -13.51 3.05 -8.44
N LYS A 211 -12.24 3.03 -8.00
CA LYS A 211 -11.75 2.03 -7.08
C LYS A 211 -11.28 2.59 -5.74
N ARG A 212 -11.35 1.77 -4.69
CA ARG A 212 -10.78 2.12 -3.38
C ARG A 212 -9.28 2.40 -3.50
N LEU A 213 -8.58 1.56 -4.26
CA LEU A 213 -7.12 1.60 -4.34
C LEU A 213 -6.66 2.30 -5.61
N ASN A 214 -5.86 3.37 -5.46
CA ASN A 214 -5.25 4.03 -6.63
C ASN A 214 -3.96 3.33 -7.05
N HIS A 215 -3.05 3.20 -6.09
CA HIS A 215 -1.83 2.41 -6.31
C HIS A 215 -1.27 1.83 -5.04
N LEU A 216 -0.46 0.79 -5.23
CA LEU A 216 0.36 0.19 -4.17
C LEU A 216 1.83 0.31 -4.60
N MET A 217 2.68 0.82 -3.69
CA MET A 217 4.12 0.92 -3.97
C MET A 217 4.85 -0.19 -3.21
N LEU A 218 5.70 -0.94 -3.91
CA LEU A 218 6.58 -1.95 -3.30
C LEU A 218 8.02 -1.58 -3.62
N GLU A 219 8.92 -1.70 -2.63
CA GLU A 219 10.26 -1.14 -2.75
C GLU A 219 11.30 -2.27 -2.80
N TYR A 220 12.12 -2.29 -3.84
CA TYR A 220 13.24 -3.25 -3.93
C TYR A 220 14.46 -2.72 -3.19
N THR A 221 15.32 -3.60 -2.68
CA THR A 221 16.59 -3.15 -2.12
C THR A 221 17.59 -2.76 -3.21
N HIS A 222 17.49 -3.40 -4.38
CA HIS A 222 18.46 -3.16 -5.47
C HIS A 222 17.88 -2.50 -6.72
N MET A 223 18.60 -1.47 -7.22
CA MET A 223 18.21 -0.78 -8.45
C MET A 223 18.09 -1.75 -9.62
N GLU A 224 18.95 -2.77 -9.65
CA GLU A 224 18.93 -3.74 -10.75
C GLU A 224 17.60 -4.49 -10.86
N ASP A 225 16.94 -4.74 -9.73
CA ASP A 225 15.66 -5.42 -9.73
C ASP A 225 14.56 -4.48 -10.21
N LEU A 226 14.64 -3.21 -9.82
CA LEU A 226 13.65 -2.23 -10.32
C LEU A 226 13.75 -2.16 -11.84
N GLY A 227 14.98 -2.04 -12.34
CA GLY A 227 15.19 -1.91 -13.77
C GLY A 227 14.70 -3.12 -14.55
N TYR A 228 15.00 -4.32 -14.05
CA TYR A 228 14.54 -5.55 -14.69
C TYR A 228 13.02 -5.67 -14.67
N THR A 229 12.38 -5.28 -13.56
CA THR A 229 10.92 -5.19 -13.50
C THR A 229 10.36 -4.22 -14.57
N HIS A 230 10.95 -3.05 -14.68
CA HIS A 230 10.52 -2.10 -15.71
C HIS A 230 10.59 -2.75 -17.10
N GLN A 231 11.70 -3.39 -17.38
CA GLN A 231 11.89 -4.10 -18.66
C GLN A 231 10.84 -5.18 -18.92
N GLN A 232 10.42 -5.88 -17.86
CA GLN A 232 9.40 -6.92 -17.94
C GLN A 232 8.07 -6.31 -18.36
N PHE A 233 7.76 -5.12 -17.83
CA PHE A 233 6.53 -4.43 -18.24
C PHE A 233 6.61 -4.03 -19.71
N VAL A 234 7.74 -3.49 -20.13
CA VAL A 234 7.88 -3.07 -21.53
C VAL A 234 7.82 -4.27 -22.47
N LYS A 235 8.57 -5.31 -22.17
CA LYS A 235 8.59 -6.50 -23.04
C LYS A 235 7.25 -7.20 -23.16
N ASN A 236 6.47 -7.15 -22.10
CA ASN A 236 5.18 -7.83 -22.09
C ASN A 236 4.05 -6.91 -22.50
N GLU A 237 4.40 -5.69 -22.94
CA GLU A 237 3.44 -4.68 -23.36
C GLU A 237 2.34 -4.40 -22.34
N ILE A 238 2.72 -4.32 -21.06
CA ILE A 238 1.80 -3.91 -19.99
C ILE A 238 1.78 -2.38 -19.88
N ASP A 239 0.59 -1.80 -19.80
CA ASP A 239 0.43 -0.35 -19.67
C ASP A 239 1.33 0.23 -18.57
N ILE A 240 2.13 1.23 -18.95
CA ILE A 240 2.85 2.08 -17.98
C ILE A 240 2.14 3.41 -17.93
N ALA A 241 1.54 3.74 -16.79
CA ALA A 241 0.77 4.96 -16.65
C ALA A 241 1.66 6.16 -16.46
N LEU A 242 2.68 6.01 -15.61
CA LEU A 242 3.69 7.04 -15.40
C LEU A 242 5.08 6.44 -15.59
N GLN A 243 5.89 7.09 -16.41
CA GLN A 243 7.23 6.60 -16.75
C GLN A 243 8.18 6.76 -15.55
N LEU A 244 9.40 6.23 -15.67
CA LEU A 244 10.37 6.32 -14.54
C LEU A 244 10.52 7.77 -14.11
N GLY A 245 10.58 7.98 -12.80
CA GLY A 245 10.81 9.32 -12.30
C GLY A 245 11.03 9.30 -10.81
N ILE A 246 11.17 10.49 -10.25
CA ILE A 246 11.40 10.60 -8.80
C ILE A 246 10.49 11.69 -8.24
N HIS A 247 9.61 11.32 -7.30
CA HIS A 247 8.73 12.31 -6.64
C HIS A 247 9.58 13.12 -5.66
N ALA A 248 9.14 14.33 -5.41
CA ALA A 248 9.87 15.25 -4.55
C ALA A 248 9.80 14.90 -3.07
N ASN A 249 8.73 14.21 -2.64
CA ASN A 249 8.67 13.82 -1.23
C ASN A 249 9.41 12.55 -0.90
N ASP A 250 9.04 11.42 -1.49
CA ASP A 250 9.67 10.13 -1.11
C ASP A 250 11.03 9.90 -1.77
N LYS A 251 11.33 10.64 -2.83
CA LYS A 251 12.66 10.65 -3.46
C LYS A 251 13.12 9.28 -4.02
N ALA A 252 12.17 8.37 -4.22
CA ALA A 252 12.47 7.05 -4.78
C ALA A 252 12.46 7.09 -6.29
N LEU A 253 13.25 6.21 -6.92
CA LEU A 253 13.13 5.98 -8.36
C LEU A 253 11.98 5.01 -8.55
N THR A 254 10.94 5.41 -9.28
CA THR A 254 9.79 4.53 -9.43
C THR A 254 9.10 4.70 -10.79
N PHE A 255 8.25 3.73 -11.17
CA PHE A 255 7.32 3.93 -12.30
C PHE A 255 5.98 3.36 -11.89
N TYR A 256 4.93 3.62 -12.66
CA TYR A 256 3.60 3.11 -12.30
C TYR A 256 3.07 2.24 -13.45
N GLY A 257 2.71 0.99 -13.17
CA GLY A 257 2.25 0.07 -14.22
C GLY A 257 0.93 -0.64 -13.88
N ALA A 258 0.21 -1.08 -14.90
CA ALA A 258 -1.10 -1.71 -14.68
C ALA A 258 -0.92 -3.09 -14.03
N THR A 259 -1.77 -3.41 -13.05
CA THR A 259 -1.96 -4.79 -12.61
C THR A 259 -3.14 -5.43 -13.40
N PRO A 260 -3.27 -6.77 -13.36
CA PRO A 260 -4.42 -7.40 -14.05
C PRO A 260 -5.78 -6.92 -13.53
N SER A 261 -5.79 -6.31 -12.34
CA SER A 261 -7.02 -5.81 -11.75
C SER A 261 -7.35 -4.37 -12.16
N GLY A 262 -6.44 -3.71 -12.84
CA GLY A 262 -6.74 -2.37 -13.34
C GLY A 262 -6.24 -1.20 -12.51
N TRP A 263 -5.94 -1.45 -11.23
CA TRP A 263 -5.29 -0.43 -10.43
C TRP A 263 -3.78 -0.56 -10.60
N LEU A 264 -3.03 0.40 -10.09
CA LEU A 264 -1.62 0.48 -10.44
C LEU A 264 -0.67 -0.07 -9.38
N ILE A 265 0.40 -0.71 -9.84
CA ILE A 265 1.53 -1.05 -8.96
C ILE A 265 2.64 -0.06 -9.23
N GLU A 266 3.34 0.37 -8.16
CA GLU A 266 4.43 1.32 -8.33
C GLU A 266 5.71 0.65 -7.78
N PRO A 267 6.43 -0.08 -8.63
CA PRO A 267 7.72 -0.63 -8.18
C PRO A 267 8.71 0.51 -8.00
N GLY A 268 9.53 0.43 -6.96
CA GLY A 268 10.47 1.51 -6.71
C GLY A 268 11.75 1.09 -6.04
N TRP A 269 12.63 2.07 -5.85
CA TRP A 269 13.95 1.85 -5.25
C TRP A 269 14.44 3.16 -4.63
N ARG A 270 15.08 3.05 -3.46
CA ARG A 270 15.79 4.16 -2.78
C ARG A 270 14.85 5.22 -2.23
N GLY A 271 13.84 4.79 -1.48
CA GLY A 271 12.95 5.76 -0.80
C GLY A 271 13.64 6.48 0.36
N ALA A 272 13.33 7.76 0.54
CA ALA A 272 13.93 8.56 1.62
C ALA A 272 13.23 8.36 2.97
N THR A 273 13.94 8.70 4.05
CA THR A 273 13.38 8.57 5.41
C THR A 273 12.30 9.61 5.67
N ALA A 274 11.22 9.20 6.32
CA ALA A 274 10.14 10.14 6.66
C ALA A 274 10.64 11.28 7.53
N ILE A 275 10.06 12.47 7.33
CA ILE A 275 10.38 13.61 8.18
C ILE A 275 9.14 14.17 8.85
N ASP A 276 9.28 14.63 10.10
CA ASP A 276 8.11 15.14 10.80
C ASP A 276 7.79 16.58 10.41
N GLU A 277 8.77 17.28 9.82
CA GLU A 277 8.58 18.70 9.44
C GLU A 277 7.83 18.82 8.10
N ALA A 278 6.63 19.40 8.15
CA ALA A 278 5.80 19.47 6.93
C ALA A 278 6.39 20.43 5.90
N GLU A 279 6.45 20.00 4.66
CA GLU A 279 6.65 20.94 3.58
C GLU A 279 5.87 20.51 2.35
N TYR A 280 5.83 21.37 1.33
CA TYR A 280 5.14 20.98 0.10
C TYR A 280 5.90 21.31 -1.16
N TYR A 281 5.48 20.68 -2.25
CA TYR A 281 6.16 20.77 -3.54
C TYR A 281 5.11 21.01 -4.62
N VAL A 282 5.54 21.55 -5.75
CA VAL A 282 4.61 21.72 -6.88
C VAL A 282 5.00 20.92 -8.13
N GLY A 283 5.92 19.99 -7.96
CA GLY A 283 6.35 19.12 -9.07
C GLY A 283 7.38 18.08 -8.64
N ASP A 284 7.57 17.06 -9.49
CA ASP A 284 8.56 16.01 -9.25
C ASP A 284 9.97 16.50 -9.55
N ILE A 285 10.96 15.71 -9.13
CA ILE A 285 12.34 16.03 -9.42
C ILE A 285 12.65 15.77 -10.89
N PHE A 286 12.21 14.62 -11.40
CA PHE A 286 12.20 14.39 -12.85
C PHE A 286 11.23 13.28 -13.21
N GLY A 287 10.87 13.22 -14.49
CA GLY A 287 10.21 12.03 -15.04
C GLY A 287 8.76 11.87 -14.63
N HIS A 288 8.32 10.63 -14.47
CA HIS A 288 6.92 10.32 -14.23
C HIS A 288 6.00 10.97 -15.29
N GLY A 289 6.45 11.03 -16.53
CA GLY A 289 5.63 11.55 -17.63
C GLY A 289 4.47 10.61 -17.90
N VAL A 290 3.34 11.15 -18.33
CA VAL A 290 2.18 10.31 -18.62
C VAL A 290 2.41 9.52 -19.88
N GLU A 291 2.08 8.23 -19.83
CA GLU A 291 2.13 7.41 -21.01
C GLU A 291 0.73 6.87 -21.27
N ALA A 292 0.37 5.76 -20.63
CA ALA A 292 -1.02 5.27 -20.66
C ALA A 292 -1.91 6.11 -19.72
N THR A 293 -3.12 6.43 -20.17
CA THR A 293 -4.07 7.18 -19.35
C THR A 293 -5.25 6.30 -18.93
N GLY A 294 -6.10 6.82 -18.03
CA GLY A 294 -7.30 6.11 -17.59
C GLY A 294 -7.15 5.47 -16.21
N TYR A 295 -6.04 5.82 -15.53
CA TYR A 295 -5.68 5.21 -14.24
C TYR A 295 -5.70 6.19 -13.06
N GLY A 296 -6.35 7.34 -13.24
CA GLY A 296 -6.48 8.33 -12.18
C GLY A 296 -5.25 9.20 -11.94
N LEU A 297 -4.22 9.03 -12.76
CA LEU A 297 -2.98 9.79 -12.61
C LEU A 297 -2.59 10.57 -13.88
N ASP A 298 -3.57 11.20 -14.53
CA ASP A 298 -3.31 12.01 -15.71
C ASP A 298 -2.95 13.42 -15.30
N VAL A 299 -1.88 13.56 -14.53
CA VAL A 299 -1.44 14.86 -14.03
C VAL A 299 -0.01 15.16 -14.48
N LYS A 300 0.28 16.43 -14.73
CA LYS A 300 1.61 16.85 -15.18
C LYS A 300 2.54 17.11 -14.00
N LEU A 301 3.45 16.17 -13.77
CA LEU A 301 4.36 16.26 -12.63
C LEU A 301 5.69 16.81 -13.11
N SER A 302 5.84 16.87 -14.43
CA SER A 302 7.08 17.26 -15.14
C SER A 302 8.20 16.26 -14.92
MG MG B . 5.94 13.27 4.49
FE FE2 C . 3.42 6.16 -4.50
C1 GOL D . 0.18 -10.91 8.73
O1 GOL D . 0.13 -10.63 7.36
C2 GOL D . -0.16 -12.37 9.00
O2 GOL D . 0.08 -12.64 10.35
C3 GOL D . 0.63 -13.30 8.07
O3 GOL D . 2.03 -13.16 8.23
C1 GOL E . 1.45 11.89 -7.68
O1 GOL E . 0.38 11.08 -8.14
C2 GOL E . 1.73 11.62 -6.22
O2 GOL E . 2.87 12.35 -5.79
C3 GOL E . 1.95 10.13 -5.99
O3 GOL E . 2.90 9.94 -4.96
#